data_6BZK
#
_entry.id   6BZK
#
_entity_poly.entity_id   1
_entity_poly.type   'polypeptide(L)'
_entity_poly.pdbx_seq_one_letter_code
;GSKTIQEKEQELKNLKDNVELERLKNERHDHDEEAERKALEDKLADKQEHLDGALRY
;
_entity_poly.pdbx_strand_id   A
#
# COMPACT_ATOMS: atom_id res chain seq x y z
N GLY A 1 -42.47 -0.08 -2.79
CA GLY A 1 -42.03 -1.49 -2.81
C GLY A 1 -40.99 -1.73 -1.73
N SER A 2 -40.27 -0.67 -1.37
CA SER A 2 -39.24 -0.77 -0.34
C SER A 2 -39.87 -1.13 1.00
N LYS A 3 -41.15 -0.84 1.16
CA LYS A 3 -41.85 -1.15 2.40
C LYS A 3 -41.83 -2.64 2.68
N THR A 4 -42.08 -3.43 1.64
CA THR A 4 -42.08 -4.89 1.78
C THR A 4 -40.65 -5.43 1.74
N ILE A 5 -40.47 -6.63 2.29
CA ILE A 5 -39.15 -7.25 2.35
C ILE A 5 -38.58 -7.51 0.95
N GLN A 6 -39.39 -8.07 0.06
CA GLN A 6 -38.96 -8.36 -1.30
C GLN A 6 -37.59 -9.06 -1.30
N GLU A 7 -37.36 -9.90 -0.30
CA GLU A 7 -36.11 -10.65 -0.19
C GLU A 7 -34.89 -9.75 -0.41
N LYS A 8 -35.00 -8.48 -0.03
CA LYS A 8 -33.87 -7.57 -0.19
C LYS A 8 -32.69 -8.01 0.66
N GLU A 9 -32.99 -8.48 1.88
CA GLU A 9 -31.93 -8.94 2.78
C GLU A 9 -31.20 -10.13 2.18
N GLN A 10 -31.95 -11.03 1.55
CA GLN A 10 -31.35 -12.22 0.95
C GLN A 10 -30.41 -11.81 -0.19
N GLU A 11 -30.84 -10.84 -0.99
CA GLU A 11 -30.05 -10.38 -2.12
C GLU A 11 -28.72 -9.78 -1.66
N LEU A 12 -28.75 -8.95 -0.61
CA LEU A 12 -27.54 -8.31 -0.09
C LEU A 12 -27.29 -8.70 1.36
N LYS A 13 -26.04 -9.00 1.68
CA LYS A 13 -25.65 -9.39 3.04
C LYS A 13 -24.45 -8.57 3.51
N ASN A 14 -24.32 -8.43 4.82
CA ASN A 14 -23.23 -7.66 5.40
C ASN A 14 -21.88 -8.28 5.03
N LEU A 15 -21.81 -9.60 5.00
CA LEU A 15 -20.58 -10.29 4.67
C LEU A 15 -20.10 -9.89 3.28
N LYS A 16 -21.02 -9.88 2.31
CA LYS A 16 -20.67 -9.50 0.95
C LYS A 16 -20.58 -7.97 0.81
N ASP A 17 -19.67 -7.51 -0.02
CA ASP A 17 -19.50 -6.07 -0.23
C ASP A 17 -18.77 -5.81 -1.55
N ASN A 18 -18.92 -4.59 -2.06
CA ASN A 18 -18.28 -4.21 -3.32
C ASN A 18 -16.84 -3.75 -3.08
N VAL A 19 -16.41 -3.80 -1.83
CA VAL A 19 -15.06 -3.39 -1.48
C VAL A 19 -14.04 -4.28 -2.19
N GLU A 20 -14.28 -5.58 -2.17
CA GLU A 20 -13.38 -6.52 -2.82
C GLU A 20 -13.30 -6.25 -4.31
N LEU A 21 -14.45 -5.97 -4.93
CA LEU A 21 -14.49 -5.68 -6.36
C LEU A 21 -13.72 -4.41 -6.67
N GLU A 22 -13.85 -3.41 -5.78
CA GLU A 22 -13.16 -2.15 -5.97
C GLU A 22 -11.65 -2.36 -5.95
N ARG A 23 -11.19 -3.20 -5.03
CA ARG A 23 -9.76 -3.48 -4.92
C ARG A 23 -9.25 -4.15 -6.19
N LEU A 24 -10.05 -5.05 -6.75
CA LEU A 24 -9.67 -5.75 -7.97
C LEU A 24 -9.47 -4.75 -9.10
N LYS A 25 -10.39 -3.81 -9.23
CA LYS A 25 -10.30 -2.81 -10.28
C LYS A 25 -9.06 -1.96 -10.10
N ASN A 26 -8.30 -1.78 -11.18
CA ASN A 26 -7.07 -0.98 -11.14
C ASN A 26 -7.33 0.43 -11.66
N GLU A 27 -6.81 1.43 -10.95
CA GLU A 27 -6.98 2.83 -11.33
C GLU A 27 -5.68 3.60 -11.11
N ARG A 28 -5.30 4.40 -12.11
CA ARG A 28 -4.07 5.19 -12.01
C ARG A 28 -4.24 6.30 -10.99
N HIS A 29 -3.17 6.60 -10.26
CA HIS A 29 -3.19 7.65 -9.25
C HIS A 29 -1.93 8.52 -9.34
N ASP A 30 -2.07 9.79 -9.02
CA ASP A 30 -0.94 10.72 -9.06
C ASP A 30 -0.19 10.72 -7.73
N HIS A 31 -0.60 9.83 -6.82
CA HIS A 31 0.04 9.73 -5.52
C HIS A 31 -0.12 8.32 -4.94
N ASP A 32 0.71 8.00 -3.94
CA ASP A 32 0.66 6.68 -3.31
C ASP A 32 0.33 6.81 -1.82
N GLU A 33 0.03 8.03 -1.40
CA GLU A 33 -0.30 8.29 0.00
C GLU A 33 -1.56 7.52 0.41
N GLU A 34 -2.54 7.49 -0.48
CA GLU A 34 -3.80 6.80 -0.21
C GLU A 34 -3.55 5.32 0.03
N ALA A 35 -2.69 4.73 -0.79
CA ALA A 35 -2.37 3.31 -0.66
C ALA A 35 -1.76 3.02 0.70
N GLU A 36 -0.91 3.92 1.18
CA GLU A 36 -0.26 3.74 2.47
C GLU A 36 -1.28 3.68 3.60
N ARG A 37 -2.31 4.52 3.52
CA ARG A 37 -3.35 4.54 4.55
C ARG A 37 -4.08 3.19 4.60
N LYS A 38 -4.34 2.61 3.44
CA LYS A 38 -5.02 1.33 3.37
C LYS A 38 -4.18 0.25 4.04
N ALA A 39 -2.87 0.30 3.85
CA ALA A 39 -1.97 -0.67 4.45
C ALA A 39 -2.07 -0.63 5.97
N LEU A 40 -2.16 0.58 6.52
CA LEU A 40 -2.25 0.75 7.97
C LEU A 40 -3.50 0.06 8.50
N GLU A 41 -4.62 0.26 7.80
CA GLU A 41 -5.87 -0.35 8.21
C GLU A 41 -5.76 -1.88 8.18
N ASP A 42 -5.13 -2.39 7.14
CA ASP A 42 -4.96 -3.83 7.00
C ASP A 42 -4.14 -4.40 8.16
N LYS A 43 -3.08 -3.68 8.53
CA LYS A 43 -2.23 -4.11 9.63
C LYS A 43 -3.03 -4.20 10.92
N LEU A 44 -3.86 -3.19 11.17
CA LEU A 44 -4.69 -3.16 12.37
C LEU A 44 -5.68 -4.32 12.36
N ALA A 45 -6.23 -4.60 11.18
CA ALA A 45 -7.19 -5.68 11.04
C ALA A 45 -6.55 -7.02 11.40
N ASP A 46 -5.30 -7.19 10.99
CA ASP A 46 -4.58 -8.44 11.27
C ASP A 46 -4.43 -8.64 12.77
N LYS A 47 -4.17 -7.55 13.49
CA LYS A 47 -4.01 -7.63 14.94
C LYS A 47 -5.38 -7.55 15.61
N GLN A 48 -5.86 -8.70 16.08
CA GLN A 48 -7.16 -8.74 16.75
C GLN A 48 -7.26 -9.99 17.63
N GLU A 49 -8.19 -9.96 18.57
CA GLU A 49 -8.38 -11.10 19.48
C GLU A 49 -8.81 -12.34 18.70
N HIS A 50 -9.66 -12.15 17.71
CA HIS A 50 -10.14 -13.27 16.90
C HIS A 50 -10.85 -14.30 17.78
N LEU A 51 -11.72 -13.82 18.67
CA LEU A 51 -12.47 -14.70 19.57
C LEU A 51 -13.89 -14.89 19.05
N ASP A 52 -14.24 -16.14 18.75
CA ASP A 52 -15.58 -16.45 18.25
C ASP A 52 -15.90 -15.58 17.03
N GLY A 53 -14.91 -15.35 16.17
CA GLY A 53 -15.11 -14.54 14.98
C GLY A 53 -15.02 -13.06 15.31
N ALA A 54 -14.74 -12.75 16.58
CA ALA A 54 -14.63 -11.36 17.00
C ALA A 54 -15.88 -10.58 16.61
N LEU A 55 -17.01 -11.28 16.53
CA LEU A 55 -18.27 -10.64 16.16
C LEU A 55 -18.66 -9.60 17.21
N ARG A 56 -18.43 -9.93 18.48
CA ARG A 56 -18.77 -9.02 19.56
C ARG A 56 -17.95 -7.74 19.45
N TYR A 57 -16.68 -7.88 19.10
CA TYR A 57 -15.80 -6.73 18.96
C TYR A 57 -16.07 -6.01 17.64
N GLY A 1 24.59 12.27 13.25
CA GLY A 1 24.14 11.66 11.96
C GLY A 1 25.14 12.00 10.86
N SER A 2 24.79 11.66 9.63
CA SER A 2 25.66 11.94 8.49
C SER A 2 25.68 13.44 8.19
N LYS A 3 26.70 13.87 7.46
CA LYS A 3 26.83 15.28 7.10
C LYS A 3 25.65 15.74 6.25
N THR A 4 25.20 14.88 5.34
CA THR A 4 24.08 15.20 4.48
C THR A 4 22.75 14.99 5.21
N ILE A 5 21.69 15.58 4.68
CA ILE A 5 20.35 15.47 5.27
C ILE A 5 19.52 14.44 4.53
N GLN A 6 20.16 13.70 3.63
CA GLN A 6 19.46 12.68 2.85
C GLN A 6 18.93 11.58 3.75
N GLU A 7 19.73 11.20 4.75
CA GLU A 7 19.32 10.15 5.68
C GLU A 7 18.07 10.58 6.45
N LYS A 8 18.03 11.84 6.86
CA LYS A 8 16.89 12.36 7.60
C LYS A 8 15.63 12.31 6.74
N GLU A 9 15.78 12.63 5.45
CA GLU A 9 14.65 12.60 4.53
C GLU A 9 14.10 11.19 4.40
N GLN A 10 14.99 10.21 4.35
CA GLN A 10 14.59 8.82 4.22
C GLN A 10 13.79 8.39 5.45
N GLU A 11 14.22 8.84 6.62
CA GLU A 11 13.54 8.50 7.86
C GLU A 11 12.12 9.05 7.86
N LEU A 12 11.95 10.26 7.34
CA LEU A 12 10.64 10.88 7.28
C LEU A 12 9.91 10.71 8.61
N LYS A 13 10.67 10.46 9.67
CA LYS A 13 10.09 10.27 11.00
C LYS A 13 9.97 11.62 11.70
N ASN A 14 8.77 11.94 12.17
CA ASN A 14 8.53 13.20 12.86
C ASN A 14 8.97 14.38 11.99
N LEU A 15 8.74 14.28 10.68
CA LEU A 15 9.12 15.35 9.75
C LEU A 15 7.90 16.18 9.38
N LYS A 16 7.99 17.49 9.63
CA LYS A 16 6.89 18.40 9.32
C LYS A 16 7.05 18.99 7.92
N ASP A 17 8.17 18.66 7.28
CA ASP A 17 8.44 19.15 5.93
C ASP A 17 7.76 18.27 4.90
N ASN A 18 6.44 18.41 4.76
CA ASN A 18 5.69 17.62 3.79
C ASN A 18 5.54 18.36 2.47
N VAL A 19 6.09 19.57 2.41
CA VAL A 19 6.03 20.37 1.19
C VAL A 19 6.98 19.82 0.13
N GLU A 20 8.02 19.13 0.58
CA GLU A 20 8.99 18.56 -0.34
C GLU A 20 8.33 17.54 -1.25
N LEU A 21 7.45 16.71 -0.67
CA LEU A 21 6.75 15.70 -1.45
C LEU A 21 5.86 16.36 -2.51
N GLU A 22 5.22 17.46 -2.13
CA GLU A 22 4.34 18.17 -3.05
C GLU A 22 5.13 18.71 -4.24
N ARG A 23 6.33 19.21 -3.97
CA ARG A 23 7.18 19.74 -5.02
C ARG A 23 7.50 18.67 -6.06
N LEU A 24 7.82 17.47 -5.58
CA LEU A 24 8.14 16.36 -6.48
C LEU A 24 6.94 16.04 -7.37
N LYS A 25 5.75 15.99 -6.77
CA LYS A 25 4.54 15.69 -7.51
C LYS A 25 4.17 16.87 -8.42
N ASN A 26 3.62 16.55 -9.59
CA ASN A 26 3.21 17.59 -10.54
C ASN A 26 1.77 18.00 -10.30
N GLU A 27 1.13 17.38 -9.32
CA GLU A 27 -0.25 17.70 -8.98
C GLU A 27 -1.19 17.27 -10.10
N ARG A 28 -0.68 16.44 -11.02
CA ARG A 28 -1.49 15.97 -12.14
C ARG A 28 -2.67 15.14 -11.63
N HIS A 29 -2.41 14.32 -10.62
CA HIS A 29 -3.46 13.47 -10.05
C HIS A 29 -4.46 14.31 -9.25
N ASP A 30 -5.73 13.93 -9.30
CA ASP A 30 -6.76 14.65 -8.58
C ASP A 30 -6.49 14.63 -7.08
N HIS A 31 -6.10 13.46 -6.56
CA HIS A 31 -5.81 13.33 -5.14
C HIS A 31 -4.87 12.15 -4.90
N ASP A 32 -4.25 12.12 -3.72
CA ASP A 32 -3.33 11.05 -3.38
C ASP A 32 -4.05 9.70 -3.35
N GLU A 33 -3.36 8.66 -3.81
CA GLU A 33 -3.94 7.33 -3.83
C GLU A 33 -4.21 6.82 -2.41
N GLU A 34 -3.52 7.40 -1.44
CA GLU A 34 -3.68 7.01 -0.05
C GLU A 34 -3.47 5.50 0.11
N ALA A 35 -2.59 4.94 -0.70
CA ALA A 35 -2.30 3.51 -0.64
C ALA A 35 -1.74 3.13 0.74
N GLU A 36 -0.90 4.00 1.28
CA GLU A 36 -0.28 3.75 2.58
C GLU A 36 -1.35 3.66 3.67
N ARG A 37 -2.36 4.51 3.57
CA ARG A 37 -3.44 4.52 4.56
C ARG A 37 -4.13 3.16 4.60
N LYS A 38 -4.41 2.62 3.42
CA LYS A 38 -5.07 1.32 3.33
C LYS A 38 -4.21 0.23 3.96
N ALA A 39 -2.90 0.31 3.73
CA ALA A 39 -1.98 -0.68 4.29
C ALA A 39 -2.02 -0.66 5.81
N LEU A 40 -2.11 0.54 6.38
CA LEU A 40 -2.16 0.67 7.84
C LEU A 40 -3.42 0.02 8.39
N GLU A 41 -4.53 0.19 7.68
CA GLU A 41 -5.79 -0.42 8.11
C GLU A 41 -5.70 -1.94 8.11
N ASP A 42 -5.04 -2.48 7.11
CA ASP A 42 -4.88 -3.93 6.99
C ASP A 42 -4.12 -4.48 8.20
N LYS A 43 -3.05 -3.79 8.58
CA LYS A 43 -2.25 -4.22 9.72
C LYS A 43 -3.07 -4.19 11.01
N LEU A 44 -3.90 -3.16 11.15
CA LEU A 44 -4.74 -3.02 12.33
C LEU A 44 -5.71 -4.19 12.44
N ALA A 45 -6.31 -4.55 11.31
CA ALA A 45 -7.26 -5.67 11.28
C ALA A 45 -6.57 -6.97 11.69
N ASP A 46 -5.33 -7.15 11.23
CA ASP A 46 -4.57 -8.35 11.54
C ASP A 46 -4.21 -8.36 13.04
N LYS A 47 -3.78 -9.52 13.57
CA LYS A 47 -3.42 -9.61 14.98
C LYS A 47 -4.57 -9.15 15.87
N GLN A 48 -5.79 -9.55 15.50
CA GLN A 48 -6.98 -9.16 16.26
C GLN A 48 -7.91 -10.36 16.42
N GLU A 49 -8.34 -10.62 17.66
CA GLU A 49 -9.23 -11.74 17.93
C GLU A 49 -9.85 -11.60 19.32
N HIS A 50 -9.98 -10.36 19.79
CA HIS A 50 -10.56 -10.10 21.11
C HIS A 50 -11.57 -8.96 21.03
N LEU A 51 -12.59 -9.01 21.88
CA LEU A 51 -13.62 -7.97 21.90
C LEU A 51 -13.00 -6.64 22.30
N ASP A 52 -12.08 -6.68 23.26
CA ASP A 52 -11.42 -5.47 23.73
C ASP A 52 -10.64 -4.81 22.59
N GLY A 53 -10.01 -5.63 21.77
CA GLY A 53 -9.24 -5.12 20.64
C GLY A 53 -10.14 -4.34 19.67
N ALA A 54 -11.36 -4.83 19.46
CA ALA A 54 -12.30 -4.18 18.56
C ALA A 54 -12.67 -2.78 19.06
N LEU A 55 -12.85 -2.63 20.37
CA LEU A 55 -13.24 -1.34 20.94
C LEU A 55 -12.19 -0.26 20.67
N ARG A 56 -10.92 -0.61 20.84
CA ARG A 56 -9.85 0.36 20.62
C ARG A 56 -9.61 0.58 19.13
N TYR A 57 -10.15 -0.31 18.31
CA TYR A 57 -10.00 -0.21 16.86
C TYR A 57 -10.08 1.24 16.39
N GLY A 1 36.62 34.90 -13.16
CA GLY A 1 37.71 35.93 -13.08
C GLY A 1 37.12 37.28 -12.70
N SER A 2 37.54 37.80 -11.55
CA SER A 2 37.04 39.09 -11.08
C SER A 2 38.10 39.78 -10.22
N LYS A 3 38.15 41.11 -10.31
CA LYS A 3 39.13 41.88 -9.54
C LYS A 3 38.89 41.66 -8.05
N THR A 4 37.63 41.69 -7.64
CA THR A 4 37.26 41.51 -6.24
C THR A 4 36.22 40.41 -6.10
N ILE A 5 36.10 39.86 -4.89
CA ILE A 5 35.13 38.80 -4.62
C ILE A 5 34.49 38.99 -3.26
N GLN A 6 33.16 38.97 -3.22
CA GLN A 6 32.41 39.14 -1.97
C GLN A 6 31.64 37.85 -1.65
N GLU A 7 32.24 36.72 -2.02
CA GLU A 7 31.65 35.40 -1.81
C GLU A 7 30.37 35.23 -2.64
N LYS A 8 30.18 36.10 -3.61
CA LYS A 8 29.01 36.00 -4.49
C LYS A 8 29.07 34.72 -5.30
N GLU A 9 30.28 34.37 -5.75
CA GLU A 9 30.47 33.14 -6.53
C GLU A 9 30.12 31.92 -5.70
N GLN A 10 30.50 31.95 -4.43
CA GLN A 10 30.22 30.83 -3.52
C GLN A 10 28.71 30.62 -3.37
N GLU A 11 27.98 31.73 -3.28
CA GLU A 11 26.53 31.66 -3.13
C GLU A 11 25.90 30.96 -4.32
N LEU A 12 26.38 31.27 -5.52
CA LEU A 12 25.84 30.67 -6.76
C LEU A 12 26.69 29.47 -7.17
N LYS A 13 26.01 28.43 -7.65
CA LYS A 13 26.70 27.21 -8.08
C LYS A 13 26.25 26.81 -9.49
N ASN A 14 27.15 26.20 -10.24
CA ASN A 14 26.83 25.78 -11.60
C ASN A 14 25.68 24.78 -11.60
N LEU A 15 25.72 23.84 -10.64
CA LEU A 15 24.68 22.82 -10.53
C LEU A 15 23.71 23.18 -9.41
N LYS A 16 22.43 23.30 -9.74
CA LYS A 16 21.41 23.63 -8.76
C LYS A 16 20.24 22.64 -8.84
N ASP A 17 19.61 22.40 -7.69
CA ASP A 17 18.48 21.47 -7.64
C ASP A 17 17.18 22.18 -7.99
N ASN A 18 17.28 23.45 -8.33
CA ASN A 18 16.11 24.23 -8.70
C ASN A 18 15.42 23.64 -9.91
N VAL A 19 16.21 23.21 -10.89
CA VAL A 19 15.67 22.61 -12.11
C VAL A 19 14.88 21.35 -11.77
N GLU A 20 15.43 20.51 -10.90
CA GLU A 20 14.76 19.28 -10.51
C GLU A 20 13.46 19.60 -9.77
N LEU A 21 13.48 20.62 -8.93
CA LEU A 21 12.29 21.02 -8.18
C LEU A 21 11.20 21.48 -9.14
N GLU A 22 11.60 22.21 -10.18
CA GLU A 22 10.64 22.72 -11.17
C GLU A 22 9.94 21.56 -11.85
N ARG A 23 10.70 20.53 -12.20
CA ARG A 23 10.14 19.36 -12.87
C ARG A 23 9.13 18.65 -11.98
N LEU A 24 9.42 18.60 -10.69
CA LEU A 24 8.53 17.93 -9.73
C LEU A 24 7.14 18.56 -9.72
N LYS A 25 7.09 19.89 -9.75
CA LYS A 25 5.81 20.59 -9.72
C LYS A 25 5.02 20.21 -8.46
N ASN A 26 3.99 20.98 -8.15
CA ASN A 26 3.17 20.72 -6.97
C ASN A 26 2.03 19.76 -7.32
N GLU A 27 2.14 18.52 -6.84
CA GLU A 27 1.12 17.52 -7.12
C GLU A 27 -0.23 17.96 -6.54
N ARG A 28 -1.27 17.85 -7.34
CA ARG A 28 -2.61 18.24 -6.90
C ARG A 28 -3.06 17.39 -5.71
N HIS A 29 -3.57 18.07 -4.68
CA HIS A 29 -4.04 17.37 -3.48
C HIS A 29 -5.37 16.69 -3.73
N ASP A 30 -6.03 17.06 -4.83
CA ASP A 30 -7.32 16.47 -5.17
C ASP A 30 -7.19 14.97 -5.39
N HIS A 31 -6.10 14.56 -6.04
CA HIS A 31 -5.85 13.15 -6.32
C HIS A 31 -4.87 12.56 -5.31
N ASP A 32 -5.34 11.58 -4.54
CA ASP A 32 -4.50 10.94 -3.52
C ASP A 32 -4.81 9.45 -3.44
N GLU A 33 -3.85 8.62 -3.85
CA GLU A 33 -4.04 7.17 -3.83
C GLU A 33 -4.30 6.68 -2.42
N GLU A 34 -3.57 7.24 -1.45
CA GLU A 34 -3.72 6.85 -0.05
C GLU A 34 -3.46 5.35 0.11
N ALA A 35 -2.54 4.82 -0.68
CA ALA A 35 -2.21 3.39 -0.61
C ALA A 35 -1.66 3.04 0.78
N GLU A 36 -0.84 3.94 1.33
CA GLU A 36 -0.26 3.71 2.64
C GLU A 36 -1.34 3.63 3.71
N ARG A 37 -2.36 4.49 3.58
CA ARG A 37 -3.44 4.51 4.56
C ARG A 37 -4.15 3.16 4.58
N LYS A 38 -4.40 2.59 3.40
CA LYS A 38 -5.08 1.30 3.31
C LYS A 38 -4.23 0.22 3.98
N ALA A 39 -2.92 0.29 3.78
CA ALA A 39 -2.01 -0.70 4.37
C ALA A 39 -2.09 -0.65 5.88
N LEU A 40 -2.18 0.55 6.43
CA LEU A 40 -2.25 0.72 7.89
C LEU A 40 -3.51 0.03 8.43
N GLU A 41 -4.63 0.23 7.75
CA GLU A 41 -5.89 -0.37 8.18
C GLU A 41 -5.79 -1.89 8.16
N ASP A 42 -5.16 -2.42 7.10
CA ASP A 42 -5.01 -3.86 6.96
C ASP A 42 -4.19 -4.42 8.12
N LYS A 43 -3.10 -3.72 8.46
CA LYS A 43 -2.24 -4.16 9.56
C LYS A 43 -3.01 -4.16 10.88
N LEU A 44 -3.84 -3.13 11.07
CA LEU A 44 -4.63 -3.02 12.30
C LEU A 44 -5.60 -4.19 12.41
N ALA A 45 -6.20 -4.57 11.28
CA ALA A 45 -7.14 -5.68 11.26
C ALA A 45 -6.46 -6.97 11.71
N ASP A 46 -5.23 -7.17 11.25
CA ASP A 46 -4.47 -8.37 11.61
C ASP A 46 -5.29 -9.63 11.33
N LYS A 47 -6.06 -9.61 10.23
CA LYS A 47 -6.89 -10.76 9.86
C LYS A 47 -6.12 -11.67 8.91
N GLN A 48 -4.92 -11.25 8.53
CA GLN A 48 -4.09 -12.05 7.63
C GLN A 48 -3.71 -13.36 8.28
N GLU A 49 -3.40 -13.31 9.57
CA GLU A 49 -3.02 -14.52 10.31
C GLU A 49 -4.18 -15.51 10.34
N HIS A 50 -5.39 -14.98 10.52
CA HIS A 50 -6.58 -15.83 10.57
C HIS A 50 -6.81 -16.52 9.23
N LEU A 51 -7.15 -17.80 9.28
CA LEU A 51 -7.39 -18.57 8.06
C LEU A 51 -8.55 -17.96 7.28
N ASP A 52 -9.63 -17.63 7.99
CA ASP A 52 -10.80 -17.04 7.35
C ASP A 52 -11.25 -17.90 6.16
N GLY A 53 -12.00 -17.31 5.24
CA GLY A 53 -12.48 -18.04 4.08
C GLY A 53 -11.31 -18.57 3.23
N ALA A 54 -10.26 -17.77 3.10
CA ALA A 54 -9.10 -18.17 2.33
C ALA A 54 -9.51 -18.57 0.91
N LEU A 55 -10.58 -17.96 0.42
CA LEU A 55 -11.08 -18.25 -0.92
C LEU A 55 -10.03 -17.88 -1.97
N ARG A 56 -9.35 -16.75 -1.75
CA ARG A 56 -8.33 -16.29 -2.68
C ARG A 56 -7.18 -17.30 -2.75
N TYR A 57 -6.82 -17.86 -1.60
CA TYR A 57 -5.74 -18.83 -1.55
C TYR A 57 -6.01 -19.97 -2.52
N GLY A 1 -19.44 16.05 -14.97
CA GLY A 1 -18.25 15.22 -14.61
C GLY A 1 -18.40 13.84 -15.22
N SER A 2 -17.64 13.59 -16.28
CA SER A 2 -17.70 12.29 -16.96
C SER A 2 -19.14 11.94 -17.34
N LYS A 3 -19.86 12.94 -17.82
CA LYS A 3 -21.25 12.72 -18.23
C LYS A 3 -21.32 11.72 -19.37
N THR A 4 -20.38 11.82 -20.31
CA THR A 4 -20.34 10.92 -21.44
C THR A 4 -19.68 9.59 -21.05
N ILE A 5 -19.91 8.56 -21.85
CA ILE A 5 -19.35 7.24 -21.58
C ILE A 5 -17.91 7.14 -22.08
N GLN A 6 -17.56 7.94 -23.09
CA GLN A 6 -16.22 7.92 -23.65
C GLN A 6 -15.75 6.47 -23.85
N GLU A 7 -16.69 5.57 -24.11
CA GLU A 7 -16.37 4.17 -24.34
C GLU A 7 -15.53 3.60 -23.20
N LYS A 8 -15.71 4.11 -21.99
CA LYS A 8 -14.96 3.60 -20.85
C LYS A 8 -15.32 2.15 -20.57
N GLU A 9 -16.61 1.83 -20.70
CA GLU A 9 -17.07 0.46 -20.47
C GLU A 9 -16.45 -0.49 -21.49
N GLN A 10 -16.35 -0.05 -22.73
CA GLN A 10 -15.77 -0.88 -23.78
C GLN A 10 -14.31 -1.20 -23.46
N GLU A 11 -13.58 -0.19 -22.98
CA GLU A 11 -12.18 -0.36 -22.62
C GLU A 11 -12.04 -1.36 -21.47
N LEU A 12 -12.96 -1.26 -20.51
CA LEU A 12 -12.93 -2.14 -19.35
C LEU A 12 -13.05 -3.61 -19.78
N LYS A 13 -13.93 -3.87 -20.74
CA LYS A 13 -14.13 -5.24 -21.21
C LYS A 13 -12.88 -5.74 -21.94
N ASN A 14 -12.56 -7.01 -21.73
CA ASN A 14 -11.38 -7.63 -22.35
C ASN A 14 -11.77 -8.40 -23.61
N LEU A 15 -12.97 -8.15 -24.10
CA LEU A 15 -13.46 -8.82 -25.30
C LEU A 15 -12.57 -8.47 -26.50
N LYS A 16 -12.16 -7.21 -26.57
CA LYS A 16 -11.30 -6.76 -27.67
C LYS A 16 -10.47 -5.56 -27.23
N ASP A 17 -9.42 -5.27 -27.99
CA ASP A 17 -8.54 -4.15 -27.68
C ASP A 17 -7.97 -4.30 -26.27
N ASN A 18 -7.45 -5.48 -25.97
CA ASN A 18 -6.87 -5.77 -24.67
C ASN A 18 -5.61 -4.93 -24.44
N VAL A 19 -4.92 -4.59 -25.53
CA VAL A 19 -3.70 -3.80 -25.43
C VAL A 19 -3.98 -2.44 -24.81
N GLU A 20 -5.06 -1.80 -25.24
CA GLU A 20 -5.42 -0.49 -24.69
C GLU A 20 -5.69 -0.60 -23.20
N LEU A 21 -6.39 -1.66 -22.80
CA LEU A 21 -6.71 -1.87 -21.39
C LEU A 21 -5.44 -2.00 -20.57
N GLU A 22 -4.49 -2.77 -21.08
CA GLU A 22 -3.21 -2.98 -20.40
C GLU A 22 -2.47 -1.65 -20.25
N ARG A 23 -2.49 -0.85 -21.30
CA ARG A 23 -1.82 0.44 -21.29
C ARG A 23 -2.39 1.33 -20.20
N LEU A 24 -3.72 1.36 -20.08
CA LEU A 24 -4.39 2.17 -19.08
C LEU A 24 -3.96 1.73 -17.68
N LYS A 25 -3.93 0.42 -17.46
CA LYS A 25 -3.54 -0.14 -16.17
C LYS A 25 -2.10 0.25 -15.85
N ASN A 26 -1.88 0.76 -14.63
CA ASN A 26 -0.54 1.16 -14.20
C ASN A 26 0.19 -0.01 -13.56
N GLU A 27 1.16 -0.56 -14.29
CA GLU A 27 1.93 -1.70 -13.79
C GLU A 27 2.71 -1.29 -12.54
N ARG A 28 3.26 -0.08 -12.55
CA ARG A 28 4.03 0.41 -11.42
C ARG A 28 3.11 0.70 -10.24
N HIS A 29 3.58 0.42 -9.03
CA HIS A 29 2.79 0.66 -7.84
C HIS A 29 2.55 2.16 -7.65
N ASP A 30 1.34 2.51 -7.24
CA ASP A 30 0.99 3.92 -7.04
C ASP A 30 1.84 4.55 -5.94
N HIS A 31 2.11 3.78 -4.90
CA HIS A 31 2.90 4.27 -3.77
C HIS A 31 2.40 5.64 -3.33
N ASP A 32 1.10 5.88 -3.49
CA ASP A 32 0.50 7.15 -3.10
C ASP A 32 0.18 7.16 -1.61
N GLU A 33 -0.24 8.31 -1.10
CA GLU A 33 -0.57 8.45 0.33
C GLU A 33 -1.78 7.57 0.69
N GLU A 34 -2.75 7.50 -0.21
CA GLU A 34 -3.95 6.70 0.05
C GLU A 34 -3.59 5.23 0.22
N ALA A 35 -2.66 4.75 -0.59
CA ALA A 35 -2.23 3.36 -0.51
C ALA A 35 -1.66 3.05 0.86
N GLU A 36 -0.88 3.99 1.40
CA GLU A 36 -0.28 3.81 2.71
C GLU A 36 -1.36 3.67 3.78
N ARG A 37 -2.40 4.49 3.67
CA ARG A 37 -3.49 4.45 4.63
C ARG A 37 -4.17 3.08 4.61
N LYS A 38 -4.41 2.57 3.41
CA LYS A 38 -5.05 1.26 3.27
C LYS A 38 -4.21 0.18 3.94
N ALA A 39 -2.90 0.21 3.72
CA ALA A 39 -2.01 -0.77 4.31
C ALA A 39 -2.07 -0.71 5.83
N LEU A 40 -2.15 0.50 6.37
CA LEU A 40 -2.21 0.68 7.81
C LEU A 40 -3.47 0.02 8.37
N GLU A 41 -4.59 0.23 7.69
CA GLU A 41 -5.86 -0.35 8.13
C GLU A 41 -5.77 -1.88 8.12
N ASP A 42 -5.15 -2.42 7.08
CA ASP A 42 -5.01 -3.86 6.95
C ASP A 42 -4.19 -4.42 8.12
N LYS A 43 -3.10 -3.72 8.45
CA LYS A 43 -2.25 -4.15 9.55
C LYS A 43 -3.01 -4.12 10.87
N LEU A 44 -3.83 -3.10 11.05
CA LEU A 44 -4.62 -2.97 12.27
C LEU A 44 -5.60 -4.12 12.40
N ALA A 45 -6.19 -4.52 11.28
CA ALA A 45 -7.16 -5.62 11.27
C ALA A 45 -6.49 -6.91 11.74
N ASP A 46 -5.25 -7.12 11.29
CA ASP A 46 -4.51 -8.33 11.67
C ASP A 46 -4.32 -8.38 13.19
N LYS A 47 -3.96 -7.24 13.77
CA LYS A 47 -3.75 -7.17 15.21
C LYS A 47 -5.04 -7.54 15.95
N GLN A 48 -6.16 -7.00 15.49
CA GLN A 48 -7.44 -7.28 16.12
C GLN A 48 -7.98 -8.64 15.67
N GLU A 49 -8.59 -9.37 16.58
CA GLU A 49 -9.15 -10.67 16.26
C GLU A 49 -10.28 -10.55 15.24
N HIS A 50 -11.12 -9.53 15.42
CA HIS A 50 -12.24 -9.30 14.51
C HIS A 50 -12.39 -7.81 14.19
N LEU A 51 -12.84 -7.52 12.98
CA LEU A 51 -13.03 -6.12 12.57
C LEU A 51 -14.13 -5.47 13.40
N ASP A 52 -15.18 -6.24 13.68
CA ASP A 52 -16.29 -5.73 14.47
C ASP A 52 -15.82 -5.32 15.87
N GLY A 53 -14.93 -6.13 16.44
CA GLY A 53 -14.40 -5.84 17.78
C GLY A 53 -13.63 -4.54 17.79
N ALA A 54 -13.18 -4.09 16.61
CA ALA A 54 -12.43 -2.86 16.51
C ALA A 54 -13.26 -1.66 17.00
N LEU A 55 -14.54 -1.67 16.66
CA LEU A 55 -15.42 -0.59 17.07
C LEU A 55 -14.88 0.76 16.61
N ARG A 56 -14.10 0.74 15.53
CA ARG A 56 -13.51 1.96 15.00
C ARG A 56 -12.65 2.64 16.06
N TYR A 57 -12.05 1.83 16.93
CA TYR A 57 -11.20 2.37 17.99
C TYR A 57 -10.31 1.28 18.56
N GLY A 1 -9.55 -24.21 -20.94
CA GLY A 1 -8.13 -23.77 -20.78
C GLY A 1 -7.20 -24.87 -21.31
N SER A 2 -6.58 -24.60 -22.44
CA SER A 2 -5.67 -25.57 -23.05
C SER A 2 -4.50 -25.85 -22.11
N LYS A 3 -3.95 -24.79 -21.52
CA LYS A 3 -2.82 -24.93 -20.61
C LYS A 3 -3.32 -25.32 -19.21
N THR A 4 -2.42 -25.80 -18.32
CA THR A 4 -2.83 -26.19 -16.98
C THR A 4 -2.69 -25.02 -16.02
N ILE A 5 -2.15 -23.91 -16.51
CA ILE A 5 -1.96 -22.73 -15.68
C ILE A 5 -3.32 -22.20 -15.19
N GLN A 6 -4.28 -22.12 -16.11
CA GLN A 6 -5.61 -21.65 -15.76
C GLN A 6 -6.27 -22.59 -14.77
N GLU A 7 -6.08 -23.89 -14.98
CA GLU A 7 -6.67 -24.89 -14.09
C GLU A 7 -6.13 -24.72 -12.67
N LYS A 8 -4.83 -24.47 -12.56
CA LYS A 8 -4.21 -24.29 -11.25
C LYS A 8 -4.83 -23.09 -10.54
N GLU A 9 -5.03 -22.01 -11.29
CA GLU A 9 -5.63 -20.80 -10.71
C GLU A 9 -7.06 -21.07 -10.27
N GLN A 10 -7.78 -21.86 -11.06
CA GLN A 10 -9.16 -22.19 -10.73
C GLN A 10 -9.24 -22.96 -9.42
N GLU A 11 -8.28 -23.87 -9.22
CA GLU A 11 -8.25 -24.67 -8.01
C GLU A 11 -8.07 -23.80 -6.77
N LEU A 12 -7.22 -22.77 -6.90
CA LEU A 12 -6.96 -21.86 -5.78
C LEU A 12 -7.83 -20.61 -5.90
N LYS A 13 -8.33 -20.14 -4.76
CA LYS A 13 -9.17 -18.94 -4.73
C LYS A 13 -8.33 -17.69 -4.93
N ASN A 14 -8.86 -16.74 -5.69
CA ASN A 14 -8.14 -15.48 -5.94
C ASN A 14 -9.05 -14.48 -6.65
N LEU A 15 -8.45 -13.47 -7.27
CA LEU A 15 -9.21 -12.45 -7.99
C LEU A 15 -10.15 -11.71 -7.04
N LYS A 16 -9.81 -11.67 -5.76
CA LYS A 16 -10.63 -10.99 -4.77
C LYS A 16 -9.84 -10.68 -3.51
N ASP A 17 -8.57 -11.07 -3.52
CA ASP A 17 -7.71 -10.83 -2.36
C ASP A 17 -7.55 -9.34 -2.11
N ASN A 18 -7.47 -8.97 -0.83
CA ASN A 18 -7.33 -7.57 -0.46
C ASN A 18 -6.02 -7.00 -0.99
N VAL A 19 -4.96 -7.79 -0.94
CA VAL A 19 -3.66 -7.35 -1.43
C VAL A 19 -3.69 -7.13 -2.93
N GLU A 20 -4.54 -7.89 -3.62
CA GLU A 20 -4.64 -7.76 -5.07
C GLU A 20 -5.15 -6.37 -5.44
N LEU A 21 -6.13 -5.88 -4.68
CA LEU A 21 -6.69 -4.56 -4.94
C LEU A 21 -5.62 -3.49 -4.74
N GLU A 22 -4.80 -3.66 -3.71
CA GLU A 22 -3.75 -2.69 -3.41
C GLU A 22 -2.76 -2.62 -4.58
N ARG A 23 -2.42 -3.77 -5.14
CA ARG A 23 -1.48 -3.81 -6.25
C ARG A 23 -2.05 -3.03 -7.44
N LEU A 24 -3.33 -3.22 -7.70
CA LEU A 24 -3.98 -2.54 -8.81
C LEU A 24 -3.92 -1.02 -8.62
N LYS A 25 -4.21 -0.58 -7.40
CA LYS A 25 -4.18 0.85 -7.09
C LYS A 25 -2.79 1.43 -7.35
N ASN A 26 -1.77 0.75 -6.83
CA ASN A 26 -0.39 1.21 -7.02
C ASN A 26 0.14 0.77 -8.37
N GLU A 27 0.29 1.73 -9.28
CA GLU A 27 0.79 1.44 -10.63
C GLU A 27 2.18 2.05 -10.84
N ARG A 28 3.11 1.21 -11.28
CA ARG A 28 4.48 1.67 -11.52
C ARG A 28 5.07 2.35 -10.29
N HIS A 29 4.93 1.71 -9.13
CA HIS A 29 5.47 2.27 -7.90
C HIS A 29 4.94 3.68 -7.67
N ASP A 30 3.64 3.86 -7.85
CA ASP A 30 3.01 5.17 -7.67
C ASP A 30 3.19 5.66 -6.23
N HIS A 31 3.05 4.73 -5.28
CA HIS A 31 3.19 5.07 -3.86
C HIS A 31 2.19 6.14 -3.44
N ASP A 32 0.94 5.99 -3.86
CA ASP A 32 -0.10 6.95 -3.51
C ASP A 32 -0.27 7.01 -2.00
N GLU A 33 -0.59 8.21 -1.50
CA GLU A 33 -0.79 8.40 -0.07
C GLU A 33 -1.96 7.56 0.43
N GLU A 34 -3.01 7.47 -0.37
CA GLU A 34 -4.19 6.69 -0.01
C GLU A 34 -3.81 5.21 0.18
N ALA A 35 -2.94 4.71 -0.69
CA ALA A 35 -2.52 3.32 -0.61
C ALA A 35 -1.83 3.05 0.72
N GLU A 36 -1.02 4.01 1.16
CA GLU A 36 -0.30 3.87 2.43
C GLU A 36 -1.28 3.76 3.59
N ARG A 37 -2.34 4.57 3.56
CA ARG A 37 -3.35 4.52 4.61
C ARG A 37 -4.04 3.17 4.64
N LYS A 38 -4.31 2.63 3.46
CA LYS A 38 -4.98 1.33 3.37
C LYS A 38 -4.12 0.24 4.00
N ALA A 39 -2.81 0.32 3.79
CA ALA A 39 -1.89 -0.66 4.35
C ALA A 39 -1.95 -0.64 5.87
N LEU A 40 -2.05 0.55 6.44
CA LEU A 40 -2.12 0.69 7.89
C LEU A 40 -3.40 0.04 8.43
N GLU A 41 -4.49 0.20 7.70
CA GLU A 41 -5.76 -0.39 8.11
C GLU A 41 -5.67 -1.91 8.10
N ASP A 42 -4.99 -2.45 7.10
CA ASP A 42 -4.84 -3.90 7.00
C ASP A 42 -4.09 -4.45 8.21
N LYS A 43 -3.04 -3.76 8.63
CA LYS A 43 -2.26 -4.19 9.77
C LYS A 43 -3.12 -4.22 11.03
N LEU A 44 -3.93 -3.19 11.22
CA LEU A 44 -4.81 -3.11 12.38
C LEU A 44 -5.79 -4.28 12.38
N ALA A 45 -6.37 -4.56 11.22
CA ALA A 45 -7.33 -5.65 11.10
C ALA A 45 -6.66 -6.98 11.43
N ASP A 46 -5.43 -7.15 10.98
CA ASP A 46 -4.68 -8.38 11.23
C ASP A 46 -5.49 -9.59 10.77
N LYS A 47 -6.20 -9.46 9.65
CA LYS A 47 -7.01 -10.56 9.12
C LYS A 47 -6.23 -11.32 8.05
N GLN A 48 -5.01 -10.85 7.77
CA GLN A 48 -4.17 -11.49 6.76
C GLN A 48 -3.83 -12.92 7.18
N GLU A 49 -3.57 -13.11 8.47
CA GLU A 49 -3.23 -14.43 8.98
C GLU A 49 -3.48 -14.50 10.50
N HIS A 50 -3.41 -15.69 11.10
CA HIS A 50 -3.64 -15.81 12.54
C HIS A 50 -2.97 -17.08 13.09
N LEU A 51 -2.80 -17.14 14.40
CA LEU A 51 -2.18 -18.29 15.04
C LEU A 51 -3.25 -19.18 15.67
N ASP A 52 -3.32 -20.43 15.22
CA ASP A 52 -4.30 -21.37 15.75
C ASP A 52 -3.78 -22.05 17.02
N GLY A 53 -3.54 -21.25 18.08
CA GLY A 53 -3.05 -21.82 19.33
C GLY A 53 -4.04 -22.82 19.91
N ALA A 54 -5.34 -22.52 19.81
CA ALA A 54 -6.36 -23.42 20.33
C ALA A 54 -6.10 -23.72 21.80
N LEU A 55 -5.44 -22.80 22.49
CA LEU A 55 -5.14 -22.98 23.90
C LEU A 55 -6.43 -23.10 24.70
N ARG A 56 -7.39 -22.21 24.40
CA ARG A 56 -8.66 -22.22 25.10
C ARG A 56 -9.40 -23.54 24.87
N TYR A 57 -9.34 -24.01 23.63
CA TYR A 57 -10.00 -25.27 23.28
C TYR A 57 -9.52 -26.39 24.18
N GLY A 1 32.37 -21.09 19.58
CA GLY A 1 33.31 -19.96 19.77
C GLY A 1 33.55 -19.27 18.43
N SER A 2 34.72 -19.51 17.85
CA SER A 2 35.06 -18.91 16.56
C SER A 2 34.12 -19.41 15.48
N LYS A 3 33.52 -20.58 15.71
CA LYS A 3 32.60 -21.15 14.74
C LYS A 3 31.31 -20.34 14.66
N THR A 4 31.03 -19.59 15.72
CA THR A 4 29.83 -18.77 15.79
C THR A 4 29.81 -17.72 14.67
N ILE A 5 30.95 -17.11 14.42
CA ILE A 5 31.05 -16.07 13.39
C ILE A 5 30.45 -16.56 12.06
N GLN A 6 30.28 -17.86 11.94
CA GLN A 6 29.70 -18.44 10.72
C GLN A 6 28.27 -17.96 10.51
N GLU A 7 27.54 -17.84 11.61
CA GLU A 7 26.15 -17.38 11.55
C GLU A 7 26.06 -15.99 10.96
N LYS A 8 27.01 -15.13 11.32
CA LYS A 8 27.01 -13.76 10.81
C LYS A 8 27.09 -13.76 9.29
N GLU A 9 27.96 -14.61 8.73
CA GLU A 9 28.12 -14.70 7.29
C GLU A 9 26.80 -15.13 6.64
N GLN A 10 26.12 -16.09 7.25
CA GLN A 10 24.86 -16.58 6.72
C GLN A 10 23.83 -15.47 6.70
N GLU A 11 23.81 -14.66 7.75
CA GLU A 11 22.86 -13.55 7.84
C GLU A 11 23.09 -12.54 6.72
N LEU A 12 24.35 -12.29 6.40
CA LEU A 12 24.70 -11.35 5.34
C LEU A 12 25.05 -12.10 4.06
N LYS A 13 24.28 -11.86 3.00
CA LYS A 13 24.52 -12.53 1.72
C LYS A 13 23.91 -11.72 0.58
N ASN A 14 24.49 -11.86 -0.62
CA ASN A 14 23.98 -11.14 -1.79
C ASN A 14 23.08 -12.04 -2.64
N LEU A 15 22.80 -13.23 -2.12
CA LEU A 15 21.94 -14.17 -2.85
C LEU A 15 20.54 -13.61 -2.98
N LYS A 16 20.06 -12.97 -1.92
CA LYS A 16 18.72 -12.39 -1.91
C LYS A 16 18.47 -11.62 -3.21
N ASP A 17 17.21 -11.55 -3.61
CA ASP A 17 16.84 -10.84 -4.84
C ASP A 17 17.18 -9.36 -4.71
N ASN A 18 17.61 -8.76 -5.81
CA ASN A 18 17.97 -7.34 -5.83
C ASN A 18 16.78 -6.50 -6.28
N VAL A 19 15.65 -7.16 -6.51
CA VAL A 19 14.44 -6.46 -6.94
C VAL A 19 14.00 -5.46 -5.87
N GLU A 20 14.01 -5.90 -4.61
CA GLU A 20 13.61 -5.05 -3.51
C GLU A 20 14.53 -3.84 -3.42
N LEU A 21 15.83 -4.08 -3.58
CA LEU A 21 16.80 -2.99 -3.52
C LEU A 21 16.57 -2.00 -4.65
N GLU A 22 16.24 -2.52 -5.83
CA GLU A 22 15.98 -1.67 -6.99
C GLU A 22 14.79 -0.74 -6.72
N ARG A 23 13.75 -1.29 -6.10
CA ARG A 23 12.56 -0.51 -5.79
C ARG A 23 12.91 0.66 -4.87
N LEU A 24 13.72 0.38 -3.86
CA LEU A 24 14.13 1.41 -2.91
C LEU A 24 14.89 2.51 -3.63
N LYS A 25 15.81 2.12 -4.51
CA LYS A 25 16.61 3.09 -5.26
C LYS A 25 15.74 3.78 -6.30
N ASN A 26 16.02 5.07 -6.52
CA ASN A 26 15.26 5.84 -7.50
C ASN A 26 13.77 5.74 -7.23
N GLU A 27 13.39 5.79 -5.95
CA GLU A 27 11.99 5.70 -5.56
C GLU A 27 11.22 6.92 -6.07
N ARG A 28 9.92 6.74 -6.30
CA ARG A 28 9.08 7.83 -6.78
C ARG A 28 7.62 7.59 -6.39
N HIS A 29 6.83 8.66 -6.42
CA HIS A 29 5.42 8.55 -6.06
C HIS A 29 4.63 9.68 -6.71
N ASP A 30 3.30 9.53 -6.77
CA ASP A 30 2.44 10.55 -7.37
C ASP A 30 1.09 10.58 -6.67
N HIS A 31 0.53 9.41 -6.41
CA HIS A 31 -0.77 9.32 -5.74
C HIS A 31 -0.86 8.03 -4.92
N ASP A 32 0.28 7.59 -4.39
CA ASP A 32 0.33 6.37 -3.58
C ASP A 32 0.11 6.69 -2.11
N GLU A 33 -0.19 7.96 -1.83
CA GLU A 33 -0.42 8.38 -0.44
C GLU A 33 -1.61 7.64 0.15
N GLU A 34 -2.67 7.51 -0.64
CA GLU A 34 -3.88 6.82 -0.18
C GLU A 34 -3.58 5.35 0.10
N ALA A 35 -2.72 4.76 -0.71
CA ALA A 35 -2.36 3.35 -0.55
C ALA A 35 -1.74 3.11 0.82
N GLU A 36 -0.93 4.05 1.30
CA GLU A 36 -0.29 3.90 2.60
C GLU A 36 -1.32 3.74 3.70
N ARG A 37 -2.37 4.55 3.66
CA ARG A 37 -3.42 4.47 4.67
C ARG A 37 -4.10 3.10 4.62
N LYS A 38 -4.31 2.59 3.41
CA LYS A 38 -4.95 1.29 3.25
C LYS A 38 -4.12 0.19 3.93
N ALA A 39 -2.81 0.24 3.74
CA ALA A 39 -1.93 -0.75 4.33
C ALA A 39 -2.02 -0.71 5.85
N LEU A 40 -2.10 0.50 6.39
CA LEU A 40 -2.19 0.68 7.84
C LEU A 40 -3.46 0.01 8.37
N GLU A 41 -4.57 0.22 7.68
CA GLU A 41 -5.85 -0.37 8.09
C GLU A 41 -5.75 -1.89 8.09
N ASP A 42 -5.13 -2.44 7.05
CA ASP A 42 -4.99 -3.89 6.95
C ASP A 42 -4.20 -4.44 8.13
N LYS A 43 -3.12 -3.75 8.49
CA LYS A 43 -2.27 -4.18 9.60
C LYS A 43 -3.07 -4.15 10.90
N LEU A 44 -3.89 -3.12 11.06
CA LEU A 44 -4.69 -2.98 12.27
C LEU A 44 -5.63 -4.17 12.42
N ALA A 45 -6.29 -4.55 11.32
CA ALA A 45 -7.21 -5.68 11.36
C ALA A 45 -6.49 -6.96 11.74
N ASP A 46 -5.27 -7.13 11.22
CA ASP A 46 -4.48 -8.31 11.52
C ASP A 46 -5.28 -9.59 11.22
N LYS A 47 -6.06 -9.56 10.14
CA LYS A 47 -6.86 -10.71 9.76
C LYS A 47 -7.28 -10.61 8.30
N GLN A 48 -6.96 -9.47 7.67
CA GLN A 48 -7.31 -9.24 6.26
C GLN A 48 -6.15 -9.62 5.36
N GLU A 49 -5.08 -10.13 5.95
CA GLU A 49 -3.91 -10.53 5.17
C GLU A 49 -4.25 -11.67 4.22
N HIS A 50 -5.04 -12.63 4.69
CA HIS A 50 -5.40 -13.77 3.86
C HIS A 50 -6.38 -13.36 2.75
N LEU A 51 -7.05 -12.23 2.94
CA LEU A 51 -8.00 -11.75 1.94
C LEU A 51 -7.29 -11.46 0.63
N ASP A 52 -6.13 -10.81 0.72
CA ASP A 52 -5.36 -10.47 -0.47
C ASP A 52 -4.95 -11.73 -1.23
N GLY A 53 -4.58 -12.78 -0.49
CA GLY A 53 -4.18 -14.02 -1.12
C GLY A 53 -5.32 -14.62 -1.95
N ALA A 54 -6.55 -14.52 -1.42
CA ALA A 54 -7.70 -15.06 -2.13
C ALA A 54 -7.88 -14.36 -3.47
N LEU A 55 -7.67 -13.04 -3.47
CA LEU A 55 -7.82 -12.25 -4.69
C LEU A 55 -6.80 -12.69 -5.73
N ARG A 56 -5.59 -12.99 -5.27
CA ARG A 56 -4.51 -13.42 -6.16
C ARG A 56 -4.06 -12.30 -7.09
N TYR A 57 -4.94 -11.33 -7.32
CA TYR A 57 -4.62 -10.20 -8.20
C TYR A 57 -4.17 -10.71 -9.56
N GLY A 1 29.95 4.24 -1.91
CA GLY A 1 29.32 5.07 -0.85
C GLY A 1 28.12 4.34 -0.27
N SER A 2 27.92 4.48 1.04
CA SER A 2 26.80 3.82 1.71
C SER A 2 25.47 4.31 1.15
N LYS A 3 25.40 5.62 0.89
CA LYS A 3 24.18 6.21 0.34
C LYS A 3 22.98 5.89 1.23
N THR A 4 23.19 5.89 2.55
CA THR A 4 22.12 5.59 3.51
C THR A 4 21.56 6.88 4.09
N ILE A 5 22.05 8.01 3.58
CA ILE A 5 21.60 9.32 4.08
C ILE A 5 20.11 9.52 3.81
N GLN A 6 19.66 9.18 2.61
CA GLN A 6 18.25 9.36 2.25
C GLN A 6 17.77 10.75 2.66
N GLU A 7 18.64 11.75 2.51
CA GLU A 7 18.30 13.11 2.87
C GLU A 7 17.79 13.19 4.30
N LYS A 8 18.39 12.37 5.18
CA LYS A 8 18.00 12.36 6.59
C LYS A 8 18.23 13.72 7.24
N GLU A 9 19.36 14.34 6.93
CA GLU A 9 19.70 15.63 7.50
C GLU A 9 18.68 16.69 7.07
N GLN A 10 18.26 16.63 5.81
CA GLN A 10 17.29 17.58 5.28
C GLN A 10 15.97 17.48 6.06
N GLU A 11 15.56 16.26 6.37
CA GLU A 11 14.33 16.05 7.09
C GLU A 11 14.40 16.70 8.47
N LEU A 12 15.55 16.56 9.13
CA LEU A 12 15.74 17.13 10.45
C LEU A 12 15.66 18.65 10.38
N LYS A 13 16.24 19.22 9.32
CA LYS A 13 16.21 20.67 9.15
C LYS A 13 14.84 21.15 8.71
N ASN A 14 14.40 22.29 9.26
CA ASN A 14 13.10 22.86 8.93
C ASN A 14 13.25 24.25 8.32
N LEU A 15 14.46 24.55 7.83
CA LEU A 15 14.75 25.84 7.22
C LEU A 15 14.63 25.76 5.71
N LYS A 16 13.69 26.53 5.15
CA LYS A 16 13.48 26.54 3.69
C LYS A 16 13.34 25.11 3.18
N ASP A 17 12.65 24.27 3.93
CA ASP A 17 12.44 22.87 3.53
C ASP A 17 11.20 22.74 2.64
N ASN A 18 10.56 23.88 2.37
CA ASN A 18 9.36 23.88 1.54
C ASN A 18 9.69 23.40 0.13
N VAL A 19 10.84 23.82 -0.39
CA VAL A 19 11.26 23.41 -1.73
C VAL A 19 11.63 21.93 -1.74
N GLU A 20 12.12 21.44 -0.62
CA GLU A 20 12.50 20.04 -0.51
C GLU A 20 11.28 19.14 -0.65
N LEU A 21 10.16 19.57 -0.06
CA LEU A 21 8.93 18.80 -0.15
C LEU A 21 8.45 18.71 -1.59
N GLU A 22 8.58 19.81 -2.32
CA GLU A 22 8.16 19.85 -3.72
C GLU A 22 8.96 18.87 -4.55
N ARG A 23 10.26 18.78 -4.26
CA ARG A 23 11.14 17.88 -5.00
C ARG A 23 10.67 16.42 -4.83
N LEU A 24 10.32 16.07 -3.60
CA LEU A 24 9.86 14.71 -3.33
C LEU A 24 8.59 14.40 -4.12
N LYS A 25 7.67 15.36 -4.13
CA LYS A 25 6.41 15.18 -4.85
C LYS A 25 6.68 15.03 -6.34
N ASN A 26 6.09 14.00 -6.95
CA ASN A 26 6.26 13.73 -8.38
C ASN A 26 4.92 13.41 -9.02
N GLU A 27 4.06 12.72 -8.28
CA GLU A 27 2.73 12.35 -8.79
C GLU A 27 1.66 12.67 -7.76
N ARG A 28 0.47 13.02 -8.24
CA ARG A 28 -0.65 13.35 -7.35
C ARG A 28 -1.02 12.15 -6.50
N HIS A 29 -0.99 10.96 -7.12
CA HIS A 29 -1.34 9.74 -6.41
C HIS A 29 -0.40 9.51 -5.23
N ASP A 30 0.90 9.68 -5.48
CA ASP A 30 1.90 9.50 -4.43
C ASP A 30 1.68 10.49 -3.29
N HIS A 31 1.31 11.72 -3.65
CA HIS A 31 1.07 12.75 -2.66
C HIS A 31 -0.08 12.35 -1.73
N ASP A 32 -1.15 11.82 -2.32
CA ASP A 32 -2.32 11.42 -1.54
C ASP A 32 -1.95 10.32 -0.54
N GLU A 33 -1.07 9.41 -0.97
CA GLU A 33 -0.64 8.31 -0.10
C GLU A 33 -1.85 7.50 0.37
N GLU A 34 -2.87 7.38 -0.50
CA GLU A 34 -4.06 6.63 -0.16
C GLU A 34 -3.72 5.16 0.10
N ALA A 35 -2.84 4.61 -0.74
CA ALA A 35 -2.44 3.22 -0.61
C ALA A 35 -1.78 2.98 0.74
N GLU A 36 -0.95 3.93 1.18
CA GLU A 36 -0.26 3.81 2.44
C GLU A 36 -1.27 3.73 3.59
N ARG A 37 -2.30 4.55 3.52
CA ARG A 37 -3.33 4.55 4.57
C ARG A 37 -4.04 3.21 4.61
N LYS A 38 -4.30 2.64 3.43
CA LYS A 38 -4.97 1.35 3.36
C LYS A 38 -4.14 0.26 4.04
N ALA A 39 -2.83 0.33 3.85
CA ALA A 39 -1.93 -0.65 4.45
C ALA A 39 -2.02 -0.59 5.98
N LEU A 40 -2.12 0.61 6.52
CA LEU A 40 -2.21 0.79 7.96
C LEU A 40 -3.47 0.09 8.50
N GLU A 41 -4.59 0.27 7.80
CA GLU A 41 -5.84 -0.34 8.22
C GLU A 41 -5.74 -1.86 8.15
N ASP A 42 -5.07 -2.35 7.10
CA ASP A 42 -4.92 -3.79 6.93
C ASP A 42 -4.14 -4.39 8.10
N LYS A 43 -3.08 -3.71 8.52
CA LYS A 43 -2.27 -4.19 9.63
C LYS A 43 -3.09 -4.22 10.91
N LEU A 44 -3.92 -3.19 11.09
CA LEU A 44 -4.75 -3.10 12.29
C LEU A 44 -5.70 -4.30 12.36
N ALA A 45 -6.30 -4.65 11.22
CA ALA A 45 -7.22 -5.77 11.16
C ALA A 45 -6.50 -7.07 11.53
N ASP A 46 -5.26 -7.20 11.07
CA ASP A 46 -4.48 -8.40 11.35
C ASP A 46 -4.26 -8.55 12.85
N LYS A 47 -4.03 -7.44 13.54
CA LYS A 47 -3.82 -7.47 14.98
C LYS A 47 -5.15 -7.38 15.71
N GLN A 48 -5.66 -8.52 16.16
CA GLN A 48 -6.93 -8.55 16.87
C GLN A 48 -6.84 -7.76 18.18
N GLU A 49 -5.71 -7.90 18.88
CA GLU A 49 -5.53 -7.19 20.14
C GLU A 49 -4.09 -7.38 20.63
N HIS A 50 -3.12 -7.30 19.72
CA HIS A 50 -1.72 -7.47 20.10
C HIS A 50 -1.29 -6.37 21.06
N LEU A 51 -1.74 -5.15 20.81
CA LEU A 51 -1.40 -4.02 21.67
C LEU A 51 0.12 -3.90 21.78
N ASP A 52 0.82 -4.68 20.99
CA ASP A 52 2.28 -4.67 20.99
C ASP A 52 2.81 -3.29 20.64
N GLY A 53 2.21 -2.67 19.62
CA GLY A 53 2.64 -1.34 19.19
C GLY A 53 3.91 -1.42 18.37
N ALA A 54 4.25 -2.62 17.90
CA ALA A 54 5.46 -2.80 17.10
C ALA A 54 5.38 -1.97 15.82
N LEU A 55 4.21 -1.92 15.22
CA LEU A 55 4.02 -1.17 13.99
C LEU A 55 4.33 0.31 14.22
N ARG A 56 3.81 0.86 15.31
CA ARG A 56 4.03 2.27 15.64
C ARG A 56 5.51 2.53 15.88
N TYR A 57 6.16 1.60 16.57
CA TYR A 57 7.59 1.73 16.87
C TYR A 57 8.41 0.86 15.93
N GLY A 1 27.66 -10.43 -29.22
CA GLY A 1 27.25 -11.13 -27.97
C GLY A 1 26.84 -10.11 -26.92
N SER A 2 27.46 -8.94 -26.96
CA SER A 2 27.16 -7.88 -26.01
C SER A 2 25.71 -7.43 -26.14
N LYS A 3 25.14 -7.65 -27.32
CA LYS A 3 23.75 -7.26 -27.58
C LYS A 3 22.80 -8.01 -26.64
N THR A 4 23.27 -9.12 -26.09
CA THR A 4 22.45 -9.93 -25.19
C THR A 4 22.63 -9.46 -23.75
N ILE A 5 23.46 -8.45 -23.54
CA ILE A 5 23.69 -7.93 -22.19
C ILE A 5 22.38 -7.45 -21.57
N GLN A 6 21.40 -7.13 -22.40
CA GLN A 6 20.11 -6.68 -21.91
C GLN A 6 19.42 -7.79 -21.12
N GLU A 7 19.55 -9.01 -21.61
CA GLU A 7 18.95 -10.18 -20.94
C GLU A 7 19.53 -10.35 -19.54
N LYS A 8 20.82 -10.07 -19.40
CA LYS A 8 21.50 -10.21 -18.13
C LYS A 8 20.86 -9.31 -17.07
N GLU A 9 20.44 -8.12 -17.46
CA GLU A 9 19.83 -7.18 -16.52
C GLU A 9 18.57 -7.77 -15.89
N GLN A 10 17.72 -8.41 -16.69
CA GLN A 10 16.50 -9.01 -16.14
C GLN A 10 16.84 -10.14 -15.18
N GLU A 11 17.86 -10.91 -15.52
CA GLU A 11 18.28 -12.03 -14.68
C GLU A 11 18.75 -11.53 -13.32
N LEU A 12 19.48 -10.41 -13.32
CA LEU A 12 20.00 -9.85 -12.07
C LEU A 12 18.86 -9.42 -11.15
N LYS A 13 17.82 -8.80 -11.72
CA LYS A 13 16.67 -8.34 -10.92
C LYS A 13 15.36 -8.67 -11.62
N ASN A 14 14.35 -9.04 -10.83
CA ASN A 14 13.05 -9.38 -11.39
C ASN A 14 12.45 -8.18 -12.12
N LEU A 15 12.62 -6.99 -11.53
CA LEU A 15 12.09 -5.77 -12.13
C LEU A 15 12.68 -4.54 -11.45
N LYS A 16 12.39 -3.37 -12.01
CA LYS A 16 12.90 -2.12 -11.46
C LYS A 16 12.35 -1.86 -10.06
N ASP A 17 13.24 -1.57 -9.12
CA ASP A 17 12.85 -1.30 -7.73
C ASP A 17 13.57 -0.08 -7.19
N ASN A 18 14.57 0.38 -7.93
CA ASN A 18 15.34 1.55 -7.51
C ASN A 18 14.46 2.79 -7.46
N VAL A 19 13.55 2.91 -8.42
CA VAL A 19 12.67 4.07 -8.48
C VAL A 19 11.95 4.29 -7.14
N GLU A 20 11.86 3.24 -6.34
CA GLU A 20 11.20 3.37 -5.03
C GLU A 20 11.96 4.33 -4.14
N LEU A 21 13.29 4.28 -4.20
CA LEU A 21 14.13 5.16 -3.39
C LEU A 21 13.90 6.61 -3.79
N GLU A 22 13.76 6.84 -5.09
CA GLU A 22 13.54 8.19 -5.60
C GLU A 22 12.23 8.76 -5.06
N ARG A 23 11.20 7.92 -5.03
CA ARG A 23 9.90 8.34 -4.53
C ARG A 23 10.00 8.78 -3.07
N LEU A 24 10.72 8.00 -2.27
CA LEU A 24 10.89 8.30 -0.86
C LEU A 24 11.60 9.64 -0.68
N LYS A 25 12.64 9.87 -1.49
CA LYS A 25 13.40 11.11 -1.40
C LYS A 25 12.52 12.32 -1.70
N ASN A 26 11.64 12.18 -2.70
CA ASN A 26 10.74 13.28 -3.08
C ASN A 26 9.37 13.10 -2.43
N GLU A 27 8.93 14.12 -1.72
CA GLU A 27 7.63 14.08 -1.04
C GLU A 27 6.51 14.50 -1.99
N ARG A 28 6.89 15.05 -3.14
CA ARG A 28 5.91 15.49 -4.13
C ARG A 28 5.08 14.32 -4.63
N HIS A 29 5.74 13.19 -4.84
CA HIS A 29 5.05 12.00 -5.33
C HIS A 29 4.33 11.29 -4.18
N ASP A 30 3.20 10.66 -4.50
CA ASP A 30 2.43 9.95 -3.48
C ASP A 30 2.10 10.88 -2.32
N HIS A 31 1.75 12.12 -2.62
CA HIS A 31 1.41 13.10 -1.59
C HIS A 31 0.20 12.62 -0.78
N ASP A 32 -0.83 12.14 -1.48
CA ASP A 32 -2.04 11.66 -0.81
C ASP A 32 -1.74 10.50 0.13
N GLU A 33 -0.82 9.62 -0.28
CA GLU A 33 -0.46 8.47 0.53
C GLU A 33 -1.68 7.62 0.84
N GLU A 34 -2.64 7.60 -0.09
CA GLU A 34 -3.85 6.82 0.11
C GLU A 34 -3.54 5.33 0.24
N ALA A 35 -2.61 4.86 -0.58
CA ALA A 35 -2.23 3.45 -0.55
C ALA A 35 -1.66 3.08 0.81
N GLU A 36 -0.86 3.97 1.39
CA GLU A 36 -0.27 3.72 2.69
C GLU A 36 -1.36 3.61 3.76
N ARG A 37 -2.37 4.45 3.65
CA ARG A 37 -3.47 4.44 4.61
C ARG A 37 -4.17 3.09 4.60
N LYS A 38 -4.40 2.56 3.39
CA LYS A 38 -5.06 1.27 3.26
C LYS A 38 -4.24 0.17 3.94
N ALA A 39 -2.93 0.21 3.72
CA ALA A 39 -2.04 -0.78 4.31
C ALA A 39 -2.11 -0.71 5.84
N LEU A 40 -2.17 0.51 6.36
CA LEU A 40 -2.24 0.71 7.80
C LEU A 40 -3.48 0.05 8.37
N GLU A 41 -4.62 0.24 7.70
CA GLU A 41 -5.87 -0.34 8.15
C GLU A 41 -5.77 -1.87 8.15
N ASP A 42 -5.17 -2.42 7.11
CA ASP A 42 -5.01 -3.86 7.01
C ASP A 42 -4.17 -4.40 8.17
N LYS A 43 -3.09 -3.69 8.49
CA LYS A 43 -2.21 -4.10 9.59
C LYS A 43 -3.00 -4.13 10.90
N LEU A 44 -3.81 -3.11 11.12
CA LEU A 44 -4.61 -3.04 12.35
C LEU A 44 -5.60 -4.19 12.40
N ALA A 45 -6.18 -4.52 11.26
CA ALA A 45 -7.15 -5.61 11.18
C ALA A 45 -6.48 -6.93 11.57
N ASP A 46 -5.25 -7.12 11.13
CA ASP A 46 -4.51 -8.33 11.45
C ASP A 46 -4.32 -8.49 12.95
N LYS A 47 -4.01 -7.39 13.62
CA LYS A 47 -3.81 -7.43 15.06
C LYS A 47 -5.16 -7.42 15.77
N GLN A 48 -5.55 -8.59 16.28
CA GLN A 48 -6.82 -8.71 16.99
C GLN A 48 -7.94 -8.00 16.22
N GLU A 49 -8.60 -7.06 16.89
CA GLU A 49 -9.69 -6.32 16.26
C GLU A 49 -10.68 -7.27 15.59
N HIS A 50 -10.80 -8.48 16.15
CA HIS A 50 -11.71 -9.47 15.61
C HIS A 50 -13.15 -8.97 15.64
N LEU A 51 -13.55 -8.40 16.78
CA LEU A 51 -14.91 -7.88 16.92
C LEU A 51 -15.15 -6.73 15.95
N ASP A 52 -14.14 -5.87 15.78
CA ASP A 52 -14.26 -4.74 14.88
C ASP A 52 -14.27 -5.22 13.42
N GLY A 53 -14.72 -4.37 12.47
CA GLY A 53 -14.76 -4.77 11.07
C GLY A 53 -16.00 -5.60 10.77
N ALA A 54 -16.84 -5.79 11.78
CA ALA A 54 -18.06 -6.57 11.60
C ALA A 54 -18.97 -5.91 10.57
N LEU A 55 -19.05 -4.58 10.62
CA LEU A 55 -19.88 -3.84 9.69
C LEU A 55 -19.41 -4.07 8.25
N ARG A 56 -18.11 -4.01 8.05
CA ARG A 56 -17.53 -4.21 6.72
C ARG A 56 -17.83 -5.62 6.21
N TYR A 57 -17.75 -6.59 7.12
CA TYR A 57 -18.02 -7.99 6.75
C TYR A 57 -19.49 -8.17 6.38
N GLY A 1 20.13 -9.20 -3.21
CA GLY A 1 19.26 -8.91 -4.39
C GLY A 1 18.08 -8.05 -3.97
N SER A 2 18.38 -6.86 -3.46
CA SER A 2 17.32 -5.95 -3.01
C SER A 2 16.43 -5.56 -4.19
N LYS A 3 17.05 -5.32 -5.34
CA LYS A 3 16.31 -4.93 -6.54
C LYS A 3 15.36 -6.05 -6.97
N THR A 4 15.83 -7.29 -6.84
CA THR A 4 15.02 -8.45 -7.23
C THR A 4 14.20 -8.98 -6.07
N ILE A 5 14.19 -8.26 -4.97
CA ILE A 5 13.43 -8.68 -3.79
C ILE A 5 11.95 -8.88 -4.14
N GLN A 6 11.51 -8.23 -5.22
CA GLN A 6 10.11 -8.36 -5.65
C GLN A 6 9.81 -9.79 -6.10
N GLU A 7 10.77 -10.41 -6.78
CA GLU A 7 10.58 -11.78 -7.27
C GLU A 7 10.44 -12.75 -6.09
N LYS A 8 11.21 -12.53 -5.04
CA LYS A 8 11.16 -13.39 -3.87
C LYS A 8 9.77 -13.36 -3.24
N GLU A 9 9.20 -12.17 -3.13
CA GLU A 9 7.87 -12.02 -2.54
C GLU A 9 6.82 -12.74 -3.39
N GLN A 10 6.97 -12.64 -4.70
CA GLN A 10 6.02 -13.29 -5.62
C GLN A 10 6.04 -14.80 -5.43
N GLU A 11 7.23 -15.36 -5.23
CA GLU A 11 7.37 -16.80 -5.06
C GLU A 11 6.64 -17.30 -3.81
N LEU A 12 6.67 -16.52 -2.73
CA LEU A 12 6.01 -16.90 -1.49
C LEU A 12 4.75 -16.07 -1.25
N LYS A 13 3.68 -16.73 -0.82
CA LYS A 13 2.42 -16.06 -0.55
C LYS A 13 1.59 -16.87 0.44
N ASN A 14 0.87 -16.17 1.32
CA ASN A 14 0.05 -16.82 2.33
C ASN A 14 -1.10 -17.61 1.71
N LEU A 15 -1.74 -17.04 0.69
CA LEU A 15 -2.88 -17.71 0.04
C LEU A 15 -2.47 -18.35 -1.27
N LYS A 16 -3.08 -19.48 -1.58
CA LYS A 16 -2.78 -20.21 -2.82
C LYS A 16 -3.13 -19.34 -4.03
N ASP A 17 -4.24 -18.62 -3.93
CA ASP A 17 -4.68 -17.76 -5.03
C ASP A 17 -3.65 -16.67 -5.29
N ASN A 18 -3.46 -16.33 -6.57
CA ASN A 18 -2.50 -15.29 -6.95
C ASN A 18 -3.21 -13.99 -7.29
N VAL A 19 -4.42 -13.82 -6.75
CA VAL A 19 -5.19 -12.61 -7.01
C VAL A 19 -4.56 -11.42 -6.31
N GLU A 20 -3.78 -11.68 -5.27
CA GLU A 20 -3.12 -10.62 -4.53
C GLU A 20 -2.12 -9.88 -5.44
N LEU A 21 -1.41 -10.65 -6.26
CA LEU A 21 -0.43 -10.06 -7.17
C LEU A 21 -1.12 -9.11 -8.14
N GLU A 22 -2.26 -9.54 -8.67
CA GLU A 22 -3.01 -8.72 -9.61
C GLU A 22 -3.46 -7.42 -8.95
N ARG A 23 -3.87 -7.51 -7.69
CA ARG A 23 -4.32 -6.34 -6.95
C ARG A 23 -3.20 -5.30 -6.87
N LEU A 24 -2.00 -5.76 -6.58
CA LEU A 24 -0.85 -4.86 -6.48
C LEU A 24 -0.61 -4.17 -7.82
N LYS A 25 -0.67 -4.94 -8.89
CA LYS A 25 -0.45 -4.41 -10.23
C LYS A 25 -1.63 -3.53 -10.64
N ASN A 26 -1.32 -2.38 -11.26
CA ASN A 26 -2.37 -1.47 -11.70
C ASN A 26 -3.27 -1.05 -10.53
N GLU A 27 -2.64 -0.54 -9.46
CA GLU A 27 -3.41 -0.12 -8.29
C GLU A 27 -4.51 0.85 -8.69
N ARG A 28 -5.66 0.73 -8.04
CA ARG A 28 -6.79 1.60 -8.34
C ARG A 28 -6.45 3.05 -8.02
N HIS A 29 -5.73 3.26 -6.92
CA HIS A 29 -5.35 4.62 -6.51
C HIS A 29 -3.96 4.95 -7.05
N ASP A 30 -3.84 6.12 -7.67
CA ASP A 30 -2.56 6.57 -8.24
C ASP A 30 -1.77 7.37 -7.21
N HIS A 31 -2.28 7.42 -5.97
CA HIS A 31 -1.60 8.16 -4.90
C HIS A 31 -0.93 7.20 -3.93
N ASP A 32 0.38 7.35 -3.76
CA ASP A 32 1.14 6.49 -2.85
C ASP A 32 0.65 6.67 -1.42
N GLU A 33 0.39 7.90 -1.03
CA GLU A 33 -0.06 8.19 0.32
C GLU A 33 -1.38 7.48 0.62
N GLU A 34 -2.29 7.52 -0.34
CA GLU A 34 -3.58 6.87 -0.16
C GLU A 34 -3.40 5.36 0.04
N ALA A 35 -2.51 4.77 -0.74
CA ALA A 35 -2.24 3.35 -0.64
C ALA A 35 -1.70 3.00 0.74
N GLU A 36 -0.84 3.87 1.25
CA GLU A 36 -0.25 3.66 2.57
C GLU A 36 -1.32 3.62 3.65
N ARG A 37 -2.32 4.49 3.52
CA ARG A 37 -3.40 4.55 4.50
C ARG A 37 -4.13 3.22 4.57
N LYS A 38 -4.42 2.64 3.40
CA LYS A 38 -5.11 1.36 3.36
C LYS A 38 -4.27 0.27 4.02
N ALA A 39 -2.96 0.32 3.79
CA ALA A 39 -2.05 -0.67 4.37
C ALA A 39 -2.09 -0.60 5.90
N LEU A 40 -2.18 0.61 6.43
CA LEU A 40 -2.23 0.79 7.88
C LEU A 40 -3.46 0.10 8.45
N GLU A 41 -4.60 0.28 7.79
CA GLU A 41 -5.83 -0.33 8.25
C GLU A 41 -5.73 -1.86 8.19
N ASP A 42 -5.09 -2.36 7.14
CA ASP A 42 -4.92 -3.80 6.97
C ASP A 42 -4.12 -4.37 8.13
N LYS A 43 -3.06 -3.67 8.53
CA LYS A 43 -2.22 -4.12 9.63
C LYS A 43 -3.02 -4.18 10.93
N LEU A 44 -3.89 -3.19 11.13
CA LEU A 44 -4.70 -3.15 12.33
C LEU A 44 -5.64 -4.36 12.40
N ALA A 45 -6.25 -4.68 11.26
CA ALA A 45 -7.19 -5.80 11.18
C ALA A 45 -6.52 -7.14 11.51
N ASP A 46 -5.29 -7.32 11.02
CA ASP A 46 -4.56 -8.57 11.23
C ASP A 46 -3.62 -8.45 12.43
N LYS A 47 -3.89 -7.49 13.30
CA LYS A 47 -3.04 -7.28 14.48
C LYS A 47 -2.91 -8.57 15.27
N GLN A 48 -3.88 -9.47 15.09
CA GLN A 48 -3.87 -10.75 15.79
C GLN A 48 -3.49 -10.56 17.26
N GLU A 49 -3.03 -11.63 17.91
CA GLU A 49 -2.64 -11.55 19.31
C GLU A 49 -1.45 -10.60 19.49
N HIS A 50 -0.51 -10.65 18.54
CA HIS A 50 0.67 -9.79 18.60
C HIS A 50 1.19 -9.49 17.18
N LEU A 51 2.12 -8.53 17.04
CA LEU A 51 2.65 -8.17 15.72
C LEU A 51 4.04 -8.77 15.50
N ASP A 52 4.74 -9.01 16.59
CA ASP A 52 6.09 -9.57 16.51
C ASP A 52 6.06 -10.92 15.79
N GLY A 53 5.04 -11.71 16.06
CA GLY A 53 4.91 -13.02 15.42
C GLY A 53 4.80 -12.89 13.90
N ALA A 54 4.08 -11.86 13.45
CA ALA A 54 3.90 -11.64 12.01
C ALA A 54 5.14 -10.99 11.40
N LEU A 55 6.14 -10.70 12.22
CA LEU A 55 7.36 -10.07 11.74
C LEU A 55 8.04 -10.98 10.71
N ARG A 56 8.09 -12.27 11.00
CA ARG A 56 8.72 -13.23 10.11
C ARG A 56 8.02 -13.24 8.75
N TYR A 57 6.77 -12.75 8.74
CA TYR A 57 5.99 -12.71 7.50
C TYR A 57 4.96 -11.59 7.57
N GLY A 1 -5.52 16.34 -37.42
CA GLY A 1 -5.23 17.80 -37.55
C GLY A 1 -5.23 18.43 -36.16
N SER A 2 -5.70 17.70 -35.17
CA SER A 2 -5.74 18.19 -33.80
C SER A 2 -5.62 17.04 -32.81
N LYS A 3 -5.01 17.32 -31.66
CA LYS A 3 -4.84 16.30 -30.63
C LYS A 3 -6.19 15.81 -30.13
N THR A 4 -7.14 16.74 -29.99
CA THR A 4 -8.46 16.38 -29.51
C THR A 4 -9.14 15.39 -30.45
N ILE A 5 -9.04 15.64 -31.75
CA ILE A 5 -9.64 14.76 -32.74
C ILE A 5 -9.03 13.36 -32.65
N GLN A 6 -7.70 13.31 -32.55
CA GLN A 6 -7.01 12.03 -32.45
C GLN A 6 -7.44 11.27 -31.21
N GLU A 7 -7.57 11.99 -30.10
CA GLU A 7 -8.00 11.36 -28.85
C GLU A 7 -9.41 10.80 -28.98
N LYS A 8 -10.28 11.54 -29.66
CA LYS A 8 -11.66 11.10 -29.85
C LYS A 8 -11.70 9.78 -30.60
N GLU A 9 -10.89 9.67 -31.65
CA GLU A 9 -10.84 8.45 -32.45
C GLU A 9 -10.34 7.29 -31.61
N GLN A 10 -9.35 7.56 -30.76
CA GLN A 10 -8.78 6.52 -29.89
C GLN A 10 -9.85 5.98 -28.95
N GLU A 11 -10.68 6.88 -28.42
CA GLU A 11 -11.73 6.49 -27.49
C GLU A 11 -12.71 5.55 -28.18
N LEU A 12 -13.06 5.87 -29.43
CA LEU A 12 -13.98 5.04 -30.20
C LEU A 12 -13.38 3.65 -30.43
N LYS A 13 -12.09 3.61 -30.70
CA LYS A 13 -11.41 2.33 -30.93
C LYS A 13 -11.23 1.58 -29.62
N ASN A 14 -11.34 0.25 -29.68
CA ASN A 14 -11.19 -0.59 -28.49
C ASN A 14 -9.76 -1.09 -28.38
N LEU A 15 -8.86 -0.51 -29.17
CA LEU A 15 -7.45 -0.89 -29.15
C LEU A 15 -6.63 0.13 -28.37
N LYS A 16 -5.94 -0.34 -27.34
CA LYS A 16 -5.10 0.53 -26.50
C LYS A 16 -3.71 -0.04 -26.37
N ASP A 17 -2.71 0.84 -26.25
CA ASP A 17 -1.33 0.40 -26.10
C ASP A 17 -1.15 -0.41 -24.82
N ASN A 18 -0.30 -1.43 -24.90
CA ASN A 18 -0.04 -2.28 -23.74
C ASN A 18 0.54 -1.47 -22.59
N VAL A 19 1.45 -0.55 -22.93
CA VAL A 19 2.08 0.29 -21.91
C VAL A 19 1.03 1.14 -21.21
N GLU A 20 0.14 1.74 -21.99
CA GLU A 20 -0.91 2.58 -21.44
C GLU A 20 -1.81 1.77 -20.50
N LEU A 21 -2.13 0.54 -20.92
CA LEU A 21 -2.99 -0.32 -20.11
C LEU A 21 -2.33 -0.61 -18.76
N GLU A 22 -1.03 -0.89 -18.78
CA GLU A 22 -0.30 -1.18 -17.55
C GLU A 22 -0.35 0.02 -16.61
N ARG A 23 -0.15 1.22 -17.16
CA ARG A 23 -0.17 2.43 -16.36
C ARG A 23 -1.57 2.64 -15.75
N LEU A 24 -2.60 2.33 -16.53
CA LEU A 24 -3.97 2.50 -16.06
C LEU A 24 -4.24 1.64 -14.83
N LYS A 25 -3.74 0.41 -14.86
CA LYS A 25 -3.93 -0.51 -13.73
C LYS A 25 -5.42 -0.72 -13.46
N ASN A 26 -5.73 -1.78 -12.73
CA ASN A 26 -7.13 -2.09 -12.40
C ASN A 26 -7.54 -1.41 -11.09
N GLU A 27 -6.63 -0.60 -10.56
CA GLU A 27 -6.90 0.11 -9.30
C GLU A 27 -6.39 1.54 -9.39
N ARG A 28 -7.22 2.49 -8.97
CA ARG A 28 -6.85 3.92 -8.99
C ARG A 28 -7.17 4.58 -7.66
N HIS A 29 -6.37 5.58 -7.29
CA HIS A 29 -6.58 6.30 -6.03
C HIS A 29 -6.44 7.80 -6.25
N ASP A 30 -7.20 8.58 -5.50
CA ASP A 30 -7.16 10.04 -5.62
C ASP A 30 -5.77 10.56 -5.27
N HIS A 31 -5.16 9.97 -4.25
CA HIS A 31 -3.82 10.38 -3.80
C HIS A 31 -2.96 9.15 -3.51
N ASP A 32 -1.66 9.28 -3.74
CA ASP A 32 -0.73 8.18 -3.50
C ASP A 32 -0.73 7.79 -2.02
N GLU A 33 -0.81 8.79 -1.15
CA GLU A 33 -0.79 8.54 0.29
C GLU A 33 -1.98 7.68 0.69
N GLU A 34 -3.01 7.64 -0.15
CA GLU A 34 -4.20 6.84 0.14
C GLU A 34 -3.84 5.37 0.24
N ALA A 35 -2.98 4.90 -0.66
CA ALA A 35 -2.55 3.51 -0.65
C ALA A 35 -1.86 3.16 0.65
N GLU A 36 -1.03 4.09 1.13
CA GLU A 36 -0.30 3.87 2.38
C GLU A 36 -1.28 3.73 3.55
N ARG A 37 -2.33 4.54 3.54
CA ARG A 37 -3.33 4.50 4.61
C ARG A 37 -4.02 3.13 4.63
N LYS A 38 -4.29 2.59 3.45
CA LYS A 38 -4.95 1.29 3.35
C LYS A 38 -4.09 0.20 3.98
N ALA A 39 -2.78 0.28 3.77
CA ALA A 39 -1.87 -0.70 4.32
C ALA A 39 -1.93 -0.70 5.85
N LEU A 40 -2.02 0.50 6.43
CA LEU A 40 -2.09 0.63 7.88
C LEU A 40 -3.37 -0.02 8.40
N GLU A 41 -4.46 0.15 7.67
CA GLU A 41 -5.74 -0.41 8.08
C GLU A 41 -5.66 -1.94 8.13
N ASP A 42 -5.01 -2.53 7.14
CA ASP A 42 -4.87 -3.98 7.09
C ASP A 42 -4.10 -4.49 8.31
N LYS A 43 -3.07 -3.75 8.70
CA LYS A 43 -2.26 -4.14 9.86
C LYS A 43 -3.13 -4.19 11.11
N LEU A 44 -3.96 -3.16 11.28
CA LEU A 44 -4.84 -3.10 12.45
C LEU A 44 -5.86 -4.25 12.41
N ALA A 45 -6.35 -4.55 11.22
CA ALA A 45 -7.33 -5.62 11.05
C ALA A 45 -6.77 -6.97 11.49
N ASP A 46 -5.49 -7.20 11.19
CA ASP A 46 -4.85 -8.46 11.55
C ASP A 46 -4.87 -8.68 13.05
N LYS A 47 -4.64 -7.62 13.81
CA LYS A 47 -4.65 -7.70 15.27
C LYS A 47 -3.69 -8.77 15.78
N GLN A 48 -2.76 -9.21 14.94
CA GLN A 48 -1.79 -10.22 15.34
C GLN A 48 -0.88 -9.70 16.45
N GLU A 49 -0.48 -8.43 16.33
CA GLU A 49 0.39 -7.82 17.33
C GLU A 49 -0.30 -7.76 18.69
N HIS A 50 -1.59 -7.45 18.68
CA HIS A 50 -2.35 -7.36 19.92
C HIS A 50 -2.39 -8.71 20.63
N LEU A 51 -2.57 -9.78 19.85
CA LEU A 51 -2.60 -11.12 20.42
C LEU A 51 -1.21 -11.54 20.90
N ASP A 52 -0.20 -11.19 20.12
CA ASP A 52 1.18 -11.53 20.46
C ASP A 52 1.57 -10.88 21.80
N GLY A 53 1.23 -9.60 21.95
CA GLY A 53 1.57 -8.89 23.18
C GLY A 53 3.04 -8.53 23.21
N ALA A 54 3.71 -8.62 22.05
CA ALA A 54 5.14 -8.31 21.97
C ALA A 54 5.36 -6.81 21.82
N LEU A 55 4.26 -6.06 21.72
CA LEU A 55 4.34 -4.62 21.57
C LEU A 55 5.04 -3.97 22.76
N ARG A 56 4.74 -4.46 23.96
CA ARG A 56 5.34 -3.92 25.16
C ARG A 56 6.86 -4.12 25.15
N TYR A 57 7.31 -5.09 24.36
CA TYR A 57 8.74 -5.38 24.26
C TYR A 57 9.33 -5.62 25.64
#